data_6NFH
#
_entry.id   6NFH
#
_cell.length_a   72.123
_cell.length_b   104.367
_cell.length_c   38.140
_cell.angle_alpha   90.000
_cell.angle_beta   90.000
_cell.angle_gamma   90.000
#
_symmetry.space_group_name_H-M   'P 21 21 2'
#
loop_
_entity.id
_entity.type
_entity.pdbx_description
1 polymer 'Tyrosine-protein kinase BTK'
2 non-polymer 8-(2,3-dihydro-1H-inden-5-yl)-2-({4-[(2S)-3-(dimethylamino)-2-hydroxypropoxy]phenyl}amino)-5,8-dihydropteridine-6,7-dione
3 non-polymer 1,2-ETHANEDIOL
4 water water
#
_entity_poly.entity_id   1
_entity_poly.type   'polypeptide(L)'
_entity_poly.pdbx_seq_one_letter_code
;GLGYGSWEIDPKDLTFLKELGTGQFGVVKYGKWRGQYDVAIKMIKEGSMSEDEFIEEAKVMMNLSHEKLVQLYGVCTKQR
PIFIITEYMANGCLLNYLREMRHRFQTQQLLEMCKDVCEAMEYLESKQFLHRDLAARNCLVNDQGVVKVSDFGLSRYVLD
DEYTSSVGSKFPVRWSPPEVLMYSKFSSKSDIWAFGVLMWEIYSLGKMPYERFTNSETAEHIAQGLRLYRPHLASEKVYT
IMYSCWHEKADERPTFKILLSNILDVMDEES
;
_entity_poly.pdbx_strand_id   A
#
loop_
_chem_comp.id
_chem_comp.type
_chem_comp.name
_chem_comp.formula
EDO non-polymer 1,2-ETHANEDIOL 'C2 H6 O2'
KLM non-polymer 8-(2,3-dihydro-1H-inden-5-yl)-2-({4-[(2S)-3-(dimethylamino)-2-hydroxypropoxy]phenyl}amino)-5,8-dihydropteridine-6,7-dione 'C26 H28 N6 O4'
#
# COMPACT_ATOMS: atom_id res chain seq x y z
N GLY A 1 20.49 -3.74 23.10
CA GLY A 1 21.75 -4.07 23.81
C GLY A 1 22.98 -4.12 22.90
N LEU A 2 24.10 -4.60 23.45
CA LEU A 2 25.38 -4.66 22.72
C LEU A 2 25.23 -5.47 21.44
N GLY A 3 25.73 -4.94 20.33
CA GLY A 3 25.67 -5.64 19.02
C GLY A 3 24.45 -5.32 18.16
N TYR A 4 23.57 -4.44 18.66
CA TYR A 4 22.33 -4.07 17.92
C TYR A 4 22.18 -2.55 17.85
N GLY A 5 22.19 -2.02 16.62
CA GLY A 5 21.90 -0.61 16.36
C GLY A 5 20.43 -0.30 16.58
N SER A 6 20.07 0.98 16.49
CA SER A 6 18.69 1.44 16.73
C SER A 6 17.65 0.85 15.77
N TRP A 7 18.12 0.42 14.60
CA TRP A 7 17.27 -0.20 13.55
C TRP A 7 17.20 -1.73 13.67
N GLU A 8 17.94 -2.29 14.62
CA GLU A 8 18.15 -3.74 14.72
C GLU A 8 17.43 -4.32 15.95
N ILE A 9 16.67 -5.38 15.69
CA ILE A 9 15.99 -6.16 16.73
C ILE A 9 16.76 -7.46 16.91
N ASP A 10 16.89 -7.88 18.16
CA ASP A 10 17.48 -9.18 18.49
C ASP A 10 16.40 -10.23 18.27
N PRO A 11 16.63 -11.19 17.32
CA PRO A 11 15.60 -12.22 17.06
C PRO A 11 15.29 -13.10 18.26
N LYS A 12 16.23 -13.23 19.19
N LYS A 12 16.21 -13.22 19.21
CA LYS A 12 15.99 -13.90 20.47
CA LYS A 12 15.94 -13.94 20.45
C LYS A 12 14.84 -13.28 21.29
C LYS A 12 14.83 -13.29 21.30
N ASP A 13 14.52 -12.01 21.04
CA ASP A 13 13.37 -11.34 21.66
C ASP A 13 12.00 -11.68 21.07
N LEU A 14 11.96 -12.52 20.03
CA LEU A 14 10.71 -12.81 19.32
C LEU A 14 10.14 -14.15 19.77
N THR A 15 8.82 -14.19 19.96
CA THR A 15 8.10 -15.43 20.22
C THR A 15 7.18 -15.58 19.02
N PHE A 16 7.26 -16.71 18.33
CA PHE A 16 6.48 -16.95 17.10
C PHE A 16 5.20 -17.69 17.45
N LEU A 17 4.05 -17.16 17.03
CA LEU A 17 2.73 -17.67 17.48
C LEU A 17 1.85 -18.25 16.35
N LYS A 18 1.86 -17.63 15.17
CA LYS A 18 1.02 -18.09 14.04
C LYS A 18 1.67 -17.75 12.70
N GLU A 19 1.40 -18.54 11.67
CA GLU A 19 1.79 -18.21 10.31
C GLU A 19 0.64 -17.44 9.66
N LEU A 20 0.92 -16.25 9.15
CA LEU A 20 -0.06 -15.40 8.48
C LEU A 20 -0.29 -15.77 7.03
N GLY A 21 0.77 -16.21 6.36
CA GLY A 21 0.74 -16.55 4.94
C GLY A 21 2.08 -16.32 4.30
N THR A 22 2.11 -16.47 2.98
CA THR A 22 3.30 -16.24 2.20
C THR A 22 3.07 -15.06 1.28
N GLY A 23 4.02 -14.14 1.30
CA GLY A 23 4.09 -13.04 0.37
C GLY A 23 5.21 -13.26 -0.61
N GLN A 24 5.60 -12.22 -1.31
CA GLN A 24 6.55 -12.36 -2.42
C GLN A 24 7.99 -12.51 -1.95
N PHE A 25 8.27 -12.10 -0.70
CA PHE A 25 9.56 -12.35 -0.04
C PHE A 25 9.54 -13.63 0.81
N GLY A 26 8.39 -14.28 0.91
CA GLY A 26 8.29 -15.55 1.64
C GLY A 26 7.28 -15.51 2.77
N VAL A 27 7.51 -16.32 3.79
N VAL A 27 7.51 -16.33 3.79
CA VAL A 27 6.56 -16.45 4.89
CA VAL A 27 6.57 -16.48 4.91
C VAL A 27 6.51 -15.22 5.81
C VAL A 27 6.52 -15.24 5.81
N VAL A 28 5.33 -14.92 6.33
CA VAL A 28 5.13 -13.85 7.31
C VAL A 28 4.42 -14.48 8.51
N LYS A 29 4.95 -14.21 9.69
CA LYS A 29 4.44 -14.78 10.92
C LYS A 29 3.91 -13.68 11.85
N TYR A 30 3.05 -14.10 12.78
CA TYR A 30 2.58 -13.28 13.88
C TYR A 30 3.30 -13.76 15.12
N GLY A 31 3.70 -12.81 15.96
CA GLY A 31 4.38 -13.12 17.21
C GLY A 31 4.41 -11.97 18.18
N LYS A 32 5.20 -12.16 19.23
CA LYS A 32 5.41 -11.14 20.27
C LYS A 32 6.88 -10.78 20.34
N TRP A 33 7.14 -9.53 20.72
CA TRP A 33 8.49 -9.00 21.01
C TRP A 33 8.55 -8.77 22.50
N ARG A 34 9.61 -9.30 23.11
CA ARG A 34 9.80 -9.32 24.57
C ARG A 34 8.51 -9.69 25.35
N GLY A 35 7.87 -10.76 24.89
CA GLY A 35 6.69 -11.37 25.51
C GLY A 35 5.38 -10.61 25.58
N GLN A 36 5.37 -9.34 25.17
N GLN A 36 5.37 -9.34 25.16
CA GLN A 36 4.23 -8.45 25.41
CA GLN A 36 4.23 -8.45 25.39
C GLN A 36 3.66 -7.77 24.17
C GLN A 36 3.64 -7.87 24.11
N TYR A 37 4.51 -7.42 23.21
CA TYR A 37 4.11 -6.56 22.08
C TYR A 37 3.88 -7.32 20.79
N ASP A 38 2.68 -7.16 20.21
CA ASP A 38 2.33 -7.86 18.96
C ASP A 38 3.20 -7.34 17.83
N VAL A 39 3.71 -8.26 17.04
CA VAL A 39 4.49 -7.92 15.84
C VAL A 39 4.14 -8.87 14.71
N ALA A 40 4.37 -8.39 13.48
CA ALA A 40 4.47 -9.27 12.32
C ALA A 40 5.95 -9.44 11.97
N ILE A 41 6.33 -10.63 11.49
CA ILE A 41 7.72 -10.96 11.16
C ILE A 41 7.76 -11.46 9.70
N LYS A 42 8.24 -10.60 8.69
CA LYS A 42 8.53 -11.06 7.31
C LYS A 42 9.81 -11.86 7.42
N MET A 43 9.79 -13.00 6.91
CA MET A 43 11.02 -13.76 6.78
C MET A 43 11.44 -13.69 5.31
N ILE A 44 12.56 -13.04 5.04
CA ILE A 44 12.93 -12.69 3.67
C ILE A 44 13.71 -13.83 3.02
N LYS A 45 13.11 -14.46 2.02
CA LYS A 45 13.72 -15.58 1.30
C LYS A 45 15.02 -15.13 0.65
N GLU A 46 16.05 -15.99 0.74
CA GLU A 46 17.36 -15.72 0.16
C GLU A 46 17.22 -15.46 -1.34
N GLY A 47 17.86 -14.39 -1.81
CA GLY A 47 17.84 -14.01 -3.22
C GLY A 47 16.64 -13.19 -3.69
N SER A 48 15.71 -12.88 -2.79
CA SER A 48 14.51 -12.13 -3.16
C SER A 48 14.68 -10.64 -3.01
N MET A 49 15.60 -10.20 -2.16
CA MET A 49 15.70 -8.78 -1.79
C MET A 49 17.11 -8.26 -1.97
N SER A 50 17.22 -7.00 -2.38
CA SER A 50 18.50 -6.26 -2.30
C SER A 50 18.71 -5.86 -0.82
N GLU A 51 19.33 -6.75 -0.05
CA GLU A 51 19.27 -6.68 1.40
C GLU A 51 20.07 -5.51 1.96
N ASP A 52 21.29 -5.30 1.45
CA ASP A 52 22.09 -4.19 1.95
C ASP A 52 21.45 -2.82 1.67
N GLU A 53 20.90 -2.64 0.47
CA GLU A 53 20.20 -1.39 0.19
C GLU A 53 18.97 -1.23 1.06
N PHE A 54 18.21 -2.31 1.25
CA PHE A 54 17.04 -2.26 2.12
C PHE A 54 17.43 -1.85 3.54
N ILE A 55 18.46 -2.48 4.09
CA ILE A 55 18.91 -2.16 5.45
C ILE A 55 19.23 -0.70 5.63
N GLU A 56 19.94 -0.09 4.68
CA GLU A 56 20.19 1.36 4.73
C GLU A 56 18.89 2.19 4.66
N GLU A 57 17.97 1.80 3.80
CA GLU A 57 16.67 2.46 3.73
C GLU A 57 15.82 2.24 4.99
N ALA A 58 15.95 1.09 5.65
CA ALA A 58 15.17 0.82 6.88
C ALA A 58 15.36 1.92 7.92
N LYS A 59 16.58 2.45 7.98
CA LYS A 59 16.90 3.56 8.86
C LYS A 59 15.96 4.77 8.59
N VAL A 60 15.73 5.11 7.32
CA VAL A 60 14.79 6.18 6.93
C VAL A 60 13.34 5.78 7.20
N MET A 61 12.98 4.54 6.87
CA MET A 61 11.60 4.06 7.06
C MET A 61 11.12 4.06 8.50
N MET A 62 12.02 3.74 9.42
N MET A 62 12.02 3.75 9.42
CA MET A 62 11.67 3.72 10.84
CA MET A 62 11.67 3.71 10.83
C MET A 62 11.28 5.08 11.41
C MET A 62 11.30 5.08 11.42
N ASN A 63 11.74 6.15 10.75
CA ASN A 63 11.36 7.54 11.13
C ASN A 63 10.04 8.00 10.43
N LEU A 64 9.47 7.16 9.57
CA LEU A 64 8.14 7.46 8.99
C LEU A 64 7.06 6.92 9.92
N SER A 65 6.66 7.78 10.84
N SER A 65 6.64 7.78 10.84
CA SER A 65 5.72 7.45 11.91
CA SER A 65 5.72 7.42 11.90
C SER A 65 4.46 8.28 11.69
C SER A 65 4.46 8.26 11.70
N HIS A 66 3.39 7.57 11.37
CA HIS A 66 2.09 8.17 11.20
C HIS A 66 1.12 7.06 11.55
N GLU A 67 0.02 7.44 12.18
CA GLU A 67 -1.01 6.54 12.67
C GLU A 67 -1.58 5.64 11.57
N LYS A 68 -1.58 6.12 10.32
CA LYS A 68 -2.14 5.34 9.20
C LYS A 68 -1.09 4.67 8.30
N LEU A 69 0.14 4.54 8.81
N LEU A 69 0.18 4.64 8.74
CA LEU A 69 1.23 3.87 8.13
CA LEU A 69 1.23 3.83 8.10
C LEU A 69 1.60 2.68 9.01
C LEU A 69 1.56 2.67 9.02
N VAL A 70 1.69 1.49 8.45
CA VAL A 70 2.13 0.31 9.23
C VAL A 70 3.60 0.51 9.62
N GLN A 71 3.86 0.56 10.92
CA GLN A 71 5.18 0.97 11.42
C GLN A 71 6.21 -0.13 11.21
N LEU A 72 7.39 0.27 10.73
CA LEU A 72 8.55 -0.62 10.73
C LEU A 72 9.18 -0.50 12.12
N TYR A 73 9.27 -1.62 12.83
CA TYR A 73 9.86 -1.65 14.17
C TYR A 73 11.36 -1.89 14.18
N GLY A 74 11.84 -2.62 13.19
CA GLY A 74 13.26 -2.92 13.05
C GLY A 74 13.52 -4.11 12.15
N VAL A 75 14.80 -4.49 12.04
CA VAL A 75 15.21 -5.57 11.17
C VAL A 75 16.14 -6.51 11.96
N CYS A 76 16.11 -7.78 11.61
CA CYS A 76 17.06 -8.77 12.16
C CYS A 76 17.95 -9.19 11.00
N THR A 77 19.20 -8.73 10.98
CA THR A 77 20.03 -8.94 9.80
C THR A 77 21.38 -9.64 10.02
N LYS A 78 21.56 -10.29 11.18
CA LYS A 78 22.84 -10.98 11.47
C LYS A 78 22.94 -12.34 10.77
N GLN A 79 21.78 -12.93 10.45
CA GLN A 79 21.74 -14.22 9.78
C GLN A 79 20.63 -14.25 8.76
N ARG A 80 20.75 -15.17 7.81
CA ARG A 80 19.74 -15.39 6.78
C ARG A 80 18.85 -16.59 7.14
N PRO A 81 17.53 -16.52 6.84
CA PRO A 81 16.85 -15.35 6.24
C PRO A 81 16.80 -14.15 7.22
N ILE A 82 16.94 -12.93 6.69
CA ILE A 82 16.76 -11.73 7.51
C ILE A 82 15.28 -11.56 7.84
N PHE A 83 14.99 -10.87 8.94
CA PHE A 83 13.58 -10.58 9.30
C PHE A 83 13.32 -9.08 9.23
N ILE A 84 12.11 -8.73 8.80
CA ILE A 84 11.57 -7.36 8.91
C ILE A 84 10.40 -7.42 9.90
N ILE A 85 10.50 -6.62 10.95
CA ILE A 85 9.57 -6.63 12.06
C ILE A 85 8.65 -5.41 11.93
N THR A 86 7.35 -5.65 11.82
CA THR A 86 6.40 -4.56 11.64
C THR A 86 5.26 -4.60 12.66
N GLU A 87 4.53 -3.48 12.72
CA GLU A 87 3.27 -3.39 13.41
C GLU A 87 2.37 -4.51 12.91
N TYR A 88 1.62 -5.13 13.82
CA TYR A 88 0.71 -6.22 13.49
C TYR A 88 -0.71 -5.69 13.26
N MET A 89 -1.35 -6.17 12.19
CA MET A 89 -2.67 -5.74 11.78
C MET A 89 -3.58 -6.97 11.75
N ALA A 90 -4.44 -7.08 12.76
CA ALA A 90 -5.16 -8.34 12.97
C ALA A 90 -6.14 -8.78 11.91
N ASN A 91 -6.70 -7.82 11.17
N ASN A 91 -6.72 -7.83 11.17
CA ASN A 91 -7.72 -8.12 10.15
CA ASN A 91 -7.75 -8.15 10.17
C ASN A 91 -7.20 -8.31 8.72
C ASN A 91 -7.21 -8.34 8.73
N GLY A 92 -5.89 -8.35 8.58
CA GLY A 92 -5.27 -8.80 7.32
C GLY A 92 -5.29 -7.78 6.19
N CYS A 93 -5.08 -8.26 4.97
N CYS A 93 -5.18 -8.32 4.99
CA CYS A 93 -4.94 -7.33 3.86
CA CYS A 93 -5.08 -7.55 3.76
C CYS A 93 -6.31 -6.79 3.46
C CYS A 93 -6.38 -6.81 3.44
N LEU A 94 -6.29 -5.53 3.04
CA LEU A 94 -7.49 -4.78 2.66
C LEU A 94 -8.25 -5.43 1.51
N LEU A 95 -7.54 -5.96 0.53
CA LEU A 95 -8.17 -6.59 -0.61
C LEU A 95 -9.07 -7.75 -0.19
N ASN A 96 -8.54 -8.66 0.63
CA ASN A 96 -9.34 -9.74 1.18
C ASN A 96 -10.53 -9.26 2.05
N TYR A 97 -10.29 -8.25 2.88
CA TYR A 97 -11.34 -7.65 3.71
C TYR A 97 -12.52 -7.10 2.89
N LEU A 98 -12.22 -6.35 1.85
CA LEU A 98 -13.23 -5.82 0.94
C LEU A 98 -14.08 -6.91 0.28
N ARG A 99 -13.43 -8.03 -0.07
CA ARG A 99 -14.09 -9.13 -0.79
C ARG A 99 -15.01 -9.99 0.10
N GLU A 100 -14.87 -9.89 1.42
CA GLU A 100 -15.74 -10.60 2.36
C GLU A 100 -17.08 -9.87 2.44
N MET A 101 -18.10 -10.38 1.73
CA MET A 101 -19.39 -9.74 1.65
C MET A 101 -20.15 -9.72 2.97
N ARG A 102 -19.74 -10.56 3.92
CA ARG A 102 -20.40 -10.54 5.25
C ARG A 102 -20.35 -9.18 5.93
N HIS A 103 -19.30 -8.40 5.65
CA HIS A 103 -19.17 -7.12 6.31
C HIS A 103 -20.32 -6.15 6.05
N ARG A 104 -20.98 -6.27 4.89
N ARG A 104 -20.98 -6.27 4.89
CA ARG A 104 -22.12 -5.44 4.55
CA ARG A 104 -22.14 -5.44 4.56
C ARG A 104 -21.82 -3.95 4.78
C ARG A 104 -21.83 -3.95 4.78
N PHE A 105 -20.75 -3.50 4.15
CA PHE A 105 -20.22 -2.17 4.38
C PHE A 105 -21.21 -1.09 3.97
N GLN A 106 -21.29 -0.06 4.78
CA GLN A 106 -21.95 1.19 4.42
C GLN A 106 -20.98 2.00 3.59
N THR A 107 -21.47 2.84 2.68
CA THR A 107 -20.55 3.68 1.93
C THR A 107 -19.72 4.64 2.83
N GLN A 108 -20.25 5.07 3.99
CA GLN A 108 -19.50 5.90 4.93
C GLN A 108 -18.25 5.12 5.43
N GLN A 109 -18.34 3.80 5.58
CA GLN A 109 -17.17 2.98 5.98
C GLN A 109 -16.13 2.92 4.84
N LEU A 110 -16.62 2.86 3.61
CA LEU A 110 -15.71 2.81 2.44
C LEU A 110 -14.97 4.14 2.31
N LEU A 111 -15.67 5.26 2.52
CA LEU A 111 -15.03 6.55 2.43
C LEU A 111 -13.98 6.75 3.54
N GLU A 112 -14.27 6.23 4.73
CA GLU A 112 -13.34 6.24 5.84
C GLU A 112 -12.07 5.47 5.53
N MET A 113 -12.21 4.36 4.82
CA MET A 113 -11.02 3.62 4.38
C MET A 113 -10.18 4.49 3.43
N CYS A 114 -10.85 5.15 2.48
CA CYS A 114 -10.14 6.04 1.57
C CYS A 114 -9.42 7.16 2.33
N LYS A 115 -10.11 7.73 3.33
CA LYS A 115 -9.50 8.79 4.13
C LYS A 115 -8.27 8.31 4.91
N ASP A 116 -8.36 7.14 5.55
CA ASP A 116 -7.21 6.48 6.19
C ASP A 116 -5.99 6.47 5.27
N VAL A 117 -6.19 5.91 4.08
CA VAL A 117 -5.09 5.78 3.11
C VAL A 117 -4.59 7.16 2.68
N CYS A 118 -5.53 8.06 2.41
CA CYS A 118 -5.16 9.42 1.97
C CYS A 118 -4.32 10.18 3.01
N GLU A 119 -4.62 9.95 4.28
CA GLU A 119 -3.88 10.58 5.36
C GLU A 119 -2.44 10.05 5.37
N ALA A 120 -2.29 8.73 5.27
CA ALA A 120 -0.96 8.09 5.15
C ALA A 120 -0.16 8.71 4.00
N MET A 121 -0.81 8.80 2.84
CA MET A 121 -0.17 9.32 1.64
C MET A 121 0.16 10.80 1.71
N GLU A 122 -0.70 11.61 2.32
N GLU A 122 -0.71 11.60 2.32
CA GLU A 122 -0.40 13.02 2.55
CA GLU A 122 -0.42 13.02 2.56
C GLU A 122 0.84 13.15 3.43
C GLU A 122 0.83 13.15 3.43
N TYR A 123 0.94 12.29 4.45
CA TYR A 123 2.14 12.26 5.29
C TYR A 123 3.41 11.90 4.49
N LEU A 124 3.33 10.81 3.72
CA LEU A 124 4.49 10.42 2.92
C LEU A 124 4.87 11.52 1.91
N GLU A 125 3.85 12.13 1.29
CA GLU A 125 4.06 13.26 0.35
C GLU A 125 4.77 14.43 1.04
N SER A 126 4.40 14.72 2.28
CA SER A 126 5.01 15.80 3.08
C SER A 126 6.49 15.52 3.40
N LYS A 127 6.86 14.23 3.39
CA LYS A 127 8.26 13.79 3.60
C LYS A 127 8.96 13.44 2.28
N GLN A 128 8.34 13.79 1.15
N GLN A 128 8.34 13.79 1.15
CA GLN A 128 8.88 13.52 -0.19
CA GLN A 128 8.87 13.52 -0.20
C GLN A 128 9.24 12.05 -0.41
C GLN A 128 9.24 12.05 -0.41
N PHE A 129 8.41 11.16 0.14
CA PHE A 129 8.64 9.72 0.09
C PHE A 129 7.56 9.11 -0.78
N LEU A 130 7.96 8.54 -1.91
CA LEU A 130 7.01 7.84 -2.80
C LEU A 130 6.74 6.43 -2.30
N HIS A 131 5.49 6.01 -2.42
CA HIS A 131 5.16 4.63 -2.13
C HIS A 131 5.69 3.71 -3.20
N ARG A 132 5.37 4.06 -4.45
CA ARG A 132 5.80 3.34 -5.67
C ARG A 132 5.04 2.06 -6.01
N ASP A 133 4.16 1.56 -5.12
CA ASP A 133 3.30 0.39 -5.42
C ASP A 133 2.02 0.43 -4.57
N LEU A 134 1.34 1.58 -4.61
CA LEU A 134 0.11 1.73 -3.85
C LEU A 134 -1.02 0.97 -4.52
N ALA A 135 -1.73 0.18 -3.73
CA ALA A 135 -2.80 -0.70 -4.16
C ALA A 135 -3.45 -1.31 -2.92
N ALA A 136 -4.68 -1.78 -3.04
CA ALA A 136 -5.35 -2.41 -1.89
C ALA A 136 -4.58 -3.62 -1.34
N ARG A 137 -3.86 -4.35 -2.20
CA ARG A 137 -3.10 -5.51 -1.72
C ARG A 137 -1.95 -5.09 -0.76
N ASN A 138 -1.57 -3.80 -0.76
CA ASN A 138 -0.50 -3.28 0.10
C ASN A 138 -1.01 -2.43 1.26
N CYS A 139 -2.31 -2.56 1.55
CA CYS A 139 -2.90 -2.00 2.73
C CYS A 139 -3.39 -3.12 3.64
N LEU A 140 -3.39 -2.84 4.92
CA LEU A 140 -3.76 -3.77 5.99
C LEU A 140 -4.83 -3.13 6.85
N VAL A 141 -5.53 -3.98 7.61
CA VAL A 141 -6.66 -3.55 8.42
C VAL A 141 -6.42 -4.02 9.86
N ASN A 142 -6.52 -3.11 10.84
CA ASN A 142 -6.33 -3.52 12.25
C ASN A 142 -7.61 -4.06 12.90
N ASP A 143 -7.54 -4.44 14.17
CA ASP A 143 -8.73 -4.97 14.89
C ASP A 143 -9.88 -3.97 15.11
N GLN A 144 -9.63 -2.69 14.88
CA GLN A 144 -10.65 -1.64 14.92
C GLN A 144 -11.21 -1.27 13.54
N GLY A 145 -10.76 -1.96 12.51
CA GLY A 145 -11.16 -1.69 11.15
C GLY A 145 -10.49 -0.48 10.52
N VAL A 146 -9.44 0.05 11.15
CA VAL A 146 -8.63 1.14 10.58
C VAL A 146 -7.71 0.55 9.51
N VAL A 147 -7.70 1.20 8.35
CA VAL A 147 -6.81 0.84 7.23
C VAL A 147 -5.49 1.61 7.31
N LYS A 148 -4.37 0.90 7.12
CA LYS A 148 -3.04 1.51 7.10
C LYS A 148 -2.29 1.06 5.87
N VAL A 149 -1.41 1.93 5.40
CA VAL A 149 -0.60 1.69 4.23
C VAL A 149 0.69 0.98 4.66
N SER A 150 1.03 -0.10 3.96
N SER A 150 1.03 -0.11 3.96
CA SER A 150 2.19 -0.91 4.27
CA SER A 150 2.19 -0.91 4.28
C SER A 150 3.15 -0.99 3.08
C SER A 150 3.14 -1.01 3.08
N ASP A 151 4.35 -1.50 3.36
CA ASP A 151 5.35 -1.79 2.31
C ASP A 151 5.72 -0.62 1.42
N PHE A 152 5.69 0.59 2.00
CA PHE A 152 5.99 1.87 1.31
C PHE A 152 7.45 1.85 0.84
N GLY A 153 7.65 2.04 -0.45
CA GLY A 153 8.96 2.05 -1.07
C GLY A 153 9.66 0.71 -1.29
N LEU A 154 9.05 -0.38 -0.85
N LEU A 154 9.09 -0.40 -0.82
CA LEU A 154 9.71 -1.69 -0.81
CA LEU A 154 9.79 -1.70 -0.83
C LEU A 154 9.99 -2.31 -2.19
C LEU A 154 10.01 -2.33 -2.21
N SER A 155 9.23 -1.91 -3.21
CA SER A 155 9.41 -2.39 -4.58
C SER A 155 10.81 -2.12 -5.12
N ARG A 156 11.48 -1.10 -4.58
CA ARG A 156 12.85 -0.77 -4.96
C ARG A 156 13.89 -1.85 -4.67
N TYR A 157 13.56 -2.77 -3.77
CA TYR A 157 14.48 -3.80 -3.28
C TYR A 157 14.12 -5.21 -3.79
N VAL A 158 13.10 -5.32 -4.65
CA VAL A 158 12.69 -6.61 -5.22
C VAL A 158 13.65 -7.04 -6.33
N LEU A 159 14.22 -8.24 -6.22
CA LEU A 159 15.17 -8.73 -7.24
C LEU A 159 14.51 -9.53 -8.37
N ASP A 160 13.26 -9.96 -8.19
CA ASP A 160 12.52 -10.65 -9.27
C ASP A 160 12.16 -9.64 -10.37
N ASP A 161 12.84 -9.77 -11.53
CA ASP A 161 12.62 -8.86 -12.65
C ASP A 161 11.17 -8.89 -13.20
N GLU A 162 10.41 -9.95 -12.93
CA GLU A 162 9.00 -9.99 -13.32
C GLU A 162 8.18 -8.86 -12.70
N TYR A 163 8.59 -8.40 -11.51
CA TYR A 163 7.92 -7.32 -10.75
C TYR A 163 8.36 -5.90 -11.10
N THR A 164 9.59 -5.72 -11.59
CA THR A 164 10.29 -4.43 -11.54
C THR A 164 10.41 -3.63 -12.85
N SER A 165 9.61 -3.97 -13.84
CA SER A 165 9.63 -3.31 -15.13
C SER A 165 8.36 -3.74 -15.84
N SER A 166 7.86 -2.90 -16.74
CA SER A 166 6.75 -3.26 -17.64
C SER A 166 7.04 -4.49 -18.51
N VAL A 167 8.31 -4.67 -18.89
CA VAL A 167 8.74 -5.88 -19.61
C VAL A 167 8.54 -7.13 -18.75
N GLY A 168 8.61 -6.97 -17.43
CA GLY A 168 8.22 -7.99 -16.46
C GLY A 168 6.73 -8.32 -16.47
N SER A 169 6.41 -9.50 -15.95
CA SER A 169 5.05 -10.07 -16.00
C SER A 169 4.19 -9.91 -14.74
N LYS A 170 4.74 -9.31 -13.67
CA LYS A 170 4.01 -9.01 -12.41
C LYS A 170 4.08 -7.51 -12.03
N PHE A 171 4.37 -6.68 -13.01
CA PHE A 171 4.40 -5.24 -12.81
C PHE A 171 2.96 -4.69 -12.58
N PRO A 172 2.79 -3.64 -11.75
CA PRO A 172 1.41 -3.19 -11.46
C PRO A 172 0.82 -2.27 -12.53
N VAL A 173 0.62 -2.86 -13.70
CA VAL A 173 0.12 -2.15 -14.84
C VAL A 173 -1.20 -1.45 -14.55
N ARG A 174 -2.11 -2.12 -13.84
CA ARG A 174 -3.46 -1.64 -13.65
C ARG A 174 -3.52 -0.48 -12.63
N TRP A 175 -2.40 -0.21 -11.94
CA TRP A 175 -2.28 0.91 -10.98
C TRP A 175 -1.35 2.02 -11.49
N SER A 176 -1.01 2.01 -12.77
CA SER A 176 0.04 2.87 -13.33
C SER A 176 -0.49 3.91 -14.32
N PRO A 177 -0.01 5.17 -14.22
CA PRO A 177 -0.43 6.19 -15.17
C PRO A 177 0.23 6.01 -16.55
N PRO A 178 -0.28 6.69 -17.57
CA PRO A 178 0.36 6.52 -18.89
C PRO A 178 1.87 6.80 -18.95
N GLU A 179 2.37 7.79 -18.19
CA GLU A 179 3.78 8.15 -18.27
C GLU A 179 4.68 7.08 -17.64
N VAL A 180 4.16 6.28 -16.71
CA VAL A 180 4.90 5.13 -16.21
C VAL A 180 4.92 4.05 -17.26
N LEU A 181 3.76 3.73 -17.85
CA LEU A 181 3.70 2.66 -18.82
C LEU A 181 4.51 2.99 -20.08
N MET A 182 4.52 4.25 -20.48
CA MET A 182 5.19 4.70 -21.72
C MET A 182 6.69 4.95 -21.52
N TYR A 183 7.03 5.63 -20.42
CA TYR A 183 8.36 6.22 -20.21
C TYR A 183 9.05 5.86 -18.88
N SER A 184 8.41 5.06 -18.01
CA SER A 184 8.91 4.80 -16.65
C SER A 184 9.12 6.09 -15.82
N LYS A 185 8.22 7.05 -15.97
CA LYS A 185 8.27 8.32 -15.24
C LYS A 185 7.48 8.22 -13.93
N PHE A 186 8.18 7.88 -12.85
CA PHE A 186 7.62 7.80 -11.50
C PHE A 186 7.71 9.17 -10.85
N SER A 187 6.66 9.53 -10.13
CA SER A 187 6.63 10.78 -9.41
C SER A 187 5.53 10.74 -8.35
N SER A 188 5.39 11.84 -7.61
CA SER A 188 4.24 11.98 -6.72
C SER A 188 2.91 11.72 -7.45
N LYS A 189 2.87 12.10 -8.73
CA LYS A 189 1.67 11.97 -9.52
C LYS A 189 1.39 10.56 -10.00
N SER A 190 2.39 9.67 -9.94
CA SER A 190 2.11 8.25 -10.18
C SER A 190 1.50 7.60 -8.93
N ASP A 191 1.91 8.06 -7.74
CA ASP A 191 1.23 7.65 -6.52
C ASP A 191 -0.23 8.14 -6.50
N ILE A 192 -0.44 9.38 -6.94
CA ILE A 192 -1.81 9.95 -7.01
C ILE A 192 -2.68 9.07 -7.92
N TRP A 193 -2.17 8.71 -9.09
CA TRP A 193 -2.93 7.88 -10.00
C TRP A 193 -3.32 6.55 -9.32
N ALA A 194 -2.34 5.93 -8.69
CA ALA A 194 -2.57 4.67 -8.02
C ALA A 194 -3.61 4.78 -6.91
N PHE A 195 -3.59 5.90 -6.18
CA PHE A 195 -4.56 6.13 -5.15
C PHE A 195 -5.96 6.18 -5.72
N GLY A 196 -6.14 6.82 -6.88
CA GLY A 196 -7.44 6.77 -7.58
C GLY A 196 -7.94 5.38 -7.86
N VAL A 197 -7.03 4.53 -8.32
CA VAL A 197 -7.33 3.12 -8.62
C VAL A 197 -7.70 2.42 -7.28
N LEU A 198 -6.95 2.73 -6.21
CA LEU A 198 -7.27 2.15 -4.90
C LEU A 198 -8.69 2.56 -4.41
N MET A 199 -9.05 3.85 -4.56
CA MET A 199 -10.43 4.25 -4.27
C MET A 199 -11.43 3.43 -5.07
N TRP A 200 -11.08 3.16 -6.34
CA TRP A 200 -11.94 2.37 -7.19
C TRP A 200 -12.04 0.92 -6.64
N GLU A 201 -10.93 0.34 -6.20
CA GLU A 201 -10.93 -0.99 -5.62
C GLU A 201 -11.85 -1.05 -4.38
N ILE A 202 -11.74 -0.03 -3.52
CA ILE A 202 -12.53 0.00 -2.28
C ILE A 202 -14.02 0.08 -2.62
N TYR A 203 -14.38 1.02 -3.50
CA TYR A 203 -15.78 1.17 -3.86
C TYR A 203 -16.34 0.03 -4.69
N SER A 204 -15.47 -0.75 -5.31
CA SER A 204 -15.87 -1.96 -6.04
C SER A 204 -15.82 -3.24 -5.19
N LEU A 205 -15.60 -3.09 -3.90
CA LEU A 205 -15.46 -4.19 -2.95
C LEU A 205 -14.42 -5.23 -3.44
N GLY A 206 -13.31 -4.70 -3.94
CA GLY A 206 -12.15 -5.50 -4.26
C GLY A 206 -12.14 -6.18 -5.62
N LYS A 207 -12.92 -5.71 -6.57
CA LYS A 207 -12.78 -6.15 -7.96
C LYS A 207 -11.39 -5.83 -8.47
N MET A 208 -10.90 -6.64 -9.40
N MET A 208 -10.89 -6.63 -9.41
CA MET A 208 -9.69 -6.32 -10.13
CA MET A 208 -9.68 -6.30 -10.13
C MET A 208 -9.98 -5.13 -11.05
C MET A 208 -9.97 -5.13 -11.05
N PRO A 209 -9.11 -4.09 -11.04
CA PRO A 209 -9.31 -3.01 -12.01
C PRO A 209 -9.17 -3.55 -13.45
N TYR A 210 -10.06 -3.10 -14.32
CA TYR A 210 -10.10 -3.52 -15.72
C TYR A 210 -10.24 -5.03 -15.82
N GLU A 211 -11.20 -5.58 -15.06
CA GLU A 211 -11.25 -7.04 -14.81
C GLU A 211 -11.41 -7.90 -16.06
N ARG A 212 -11.94 -7.33 -17.13
CA ARG A 212 -12.18 -8.09 -18.39
C ARG A 212 -11.01 -7.96 -19.36
N PHE A 213 -10.01 -7.13 -19.03
CA PHE A 213 -8.82 -6.88 -19.88
C PHE A 213 -7.58 -7.57 -19.34
N THR A 214 -6.65 -7.86 -20.26
CA THR A 214 -5.29 -8.24 -19.90
C THR A 214 -4.55 -6.94 -19.51
N ASN A 215 -3.35 -7.11 -18.97
CA ASN A 215 -2.45 -5.98 -18.73
C ASN A 215 -2.14 -5.22 -20.04
N SER A 216 -1.85 -5.94 -21.13
N SER A 216 -1.86 -5.93 -21.13
CA SER A 216 -1.54 -5.29 -22.40
CA SER A 216 -1.54 -5.27 -22.39
C SER A 216 -2.72 -4.45 -22.90
C SER A 216 -2.73 -4.45 -22.92
N GLU A 217 -3.92 -5.03 -22.81
CA GLU A 217 -5.15 -4.34 -23.18
C GLU A 217 -5.42 -3.11 -22.28
N THR A 218 -5.12 -3.23 -20.99
CA THR A 218 -5.27 -2.10 -20.06
C THR A 218 -4.34 -0.95 -20.45
N ALA A 219 -3.08 -1.26 -20.73
CA ALA A 219 -2.12 -0.26 -21.19
C ALA A 219 -2.61 0.51 -22.41
N GLU A 220 -3.11 -0.22 -23.42
CA GLU A 220 -3.67 0.39 -24.64
C GLU A 220 -4.88 1.28 -24.32
N HIS A 221 -5.77 0.79 -23.47
CA HIS A 221 -7.01 1.50 -23.07
C HIS A 221 -6.63 2.84 -22.45
N ILE A 222 -5.75 2.82 -21.47
CA ILE A 222 -5.39 4.07 -20.79
C ILE A 222 -4.55 5.01 -21.67
N ALA A 223 -3.76 4.45 -22.58
CA ALA A 223 -3.04 5.26 -23.61
C ALA A 223 -3.97 5.93 -24.63
N GLN A 224 -5.14 5.34 -24.89
CA GLN A 224 -6.20 5.93 -25.73
C GLN A 224 -7.05 6.97 -24.97
N GLY A 225 -6.74 7.18 -23.69
CA GLY A 225 -7.36 8.24 -22.90
C GLY A 225 -8.59 7.76 -22.14
N LEU A 226 -8.84 6.45 -22.18
CA LEU A 226 -9.99 5.82 -21.55
C LEU A 226 -9.63 5.37 -20.12
N ARG A 227 -10.66 5.16 -19.31
CA ARG A 227 -10.50 5.04 -17.87
C ARG A 227 -11.43 3.99 -17.29
N LEU A 228 -11.21 3.66 -16.02
CA LEU A 228 -12.21 2.97 -15.22
C LEU A 228 -13.46 3.80 -15.21
N TYR A 229 -14.58 3.17 -14.91
CA TYR A 229 -15.81 3.92 -14.73
C TYR A 229 -16.40 3.70 -13.33
N ARG A 230 -17.54 4.31 -13.09
CA ARG A 230 -17.99 4.52 -11.71
C ARG A 230 -18.48 3.25 -11.06
N PRO A 231 -17.90 2.86 -9.89
CA PRO A 231 -18.46 1.75 -9.13
C PRO A 231 -19.89 2.07 -8.67
N HIS A 232 -20.75 1.06 -8.65
CA HIS A 232 -22.12 1.26 -8.21
C HIS A 232 -22.26 1.92 -6.83
N LEU A 233 -21.32 1.65 -5.92
CA LEU A 233 -21.39 2.22 -4.57
C LEU A 233 -20.82 3.62 -4.43
N ALA A 234 -20.18 4.13 -5.48
CA ALA A 234 -19.60 5.45 -5.44
C ALA A 234 -20.64 6.51 -5.84
N SER A 235 -20.86 7.50 -4.99
CA SER A 235 -21.64 8.68 -5.36
C SER A 235 -20.96 9.46 -6.49
N GLU A 236 -21.71 10.37 -7.11
N GLU A 236 -21.69 10.37 -7.12
CA GLU A 236 -21.14 11.29 -8.12
CA GLU A 236 -21.07 11.21 -8.15
C GLU A 236 -19.91 12.04 -7.60
C GLU A 236 -19.89 12.04 -7.61
N LYS A 237 -20.00 12.53 -6.37
CA LYS A 237 -18.88 13.27 -5.77
C LYS A 237 -17.68 12.37 -5.48
N VAL A 238 -17.91 11.15 -4.99
CA VAL A 238 -16.80 10.19 -4.79
C VAL A 238 -16.12 9.85 -6.13
N TYR A 239 -16.92 9.63 -7.18
CA TYR A 239 -16.39 9.31 -8.49
C TYR A 239 -15.54 10.45 -9.04
N THR A 240 -16.00 11.68 -8.86
CA THR A 240 -15.24 12.85 -9.28
C THR A 240 -13.88 12.90 -8.63
N ILE A 241 -13.80 12.52 -7.35
CA ILE A 241 -12.52 12.50 -6.64
C ILE A 241 -11.56 11.47 -7.25
N MET A 242 -12.01 10.21 -7.40
CA MET A 242 -11.13 9.16 -7.95
C MET A 242 -10.73 9.48 -9.39
N TYR A 243 -11.67 10.02 -10.18
CA TYR A 243 -11.44 10.34 -11.58
C TYR A 243 -10.40 11.47 -11.72
N SER A 244 -10.41 12.42 -10.77
CA SER A 244 -9.43 13.53 -10.78
C SER A 244 -8.00 13.00 -10.71
N CYS A 245 -7.79 11.84 -10.11
CA CYS A 245 -6.48 11.21 -10.04
C CYS A 245 -5.94 10.67 -11.39
N TRP A 246 -6.78 10.66 -12.43
CA TRP A 246 -6.46 10.03 -13.70
C TRP A 246 -6.32 11.00 -14.87
N HIS A 247 -6.11 12.29 -14.60
N HIS A 247 -6.12 12.30 -14.60
CA HIS A 247 -5.83 13.24 -15.68
CA HIS A 247 -5.83 13.24 -15.69
C HIS A 247 -4.64 12.75 -16.48
C HIS A 247 -4.64 12.72 -16.48
N GLU A 248 -4.75 12.77 -17.81
CA GLU A 248 -3.65 12.37 -18.69
C GLU A 248 -2.38 13.16 -18.38
N LYS A 249 -2.52 14.47 -18.11
CA LYS A 249 -1.39 15.32 -17.74
C LYS A 249 -1.14 15.21 -16.22
N ALA A 250 0.01 14.70 -15.84
CA ALA A 250 0.36 14.47 -14.43
C ALA A 250 0.25 15.77 -13.56
N ASP A 251 0.66 16.91 -14.13
N ASP A 251 0.65 16.90 -14.16
CA ASP A 251 0.62 18.18 -13.37
CA ASP A 251 0.59 18.21 -13.50
C ASP A 251 -0.82 18.72 -13.16
C ASP A 251 -0.83 18.64 -13.11
N GLU A 252 -1.82 18.10 -13.82
CA GLU A 252 -3.24 18.43 -13.59
C GLU A 252 -3.89 17.56 -12.50
N ARG A 253 -3.18 16.54 -12.04
CA ARG A 253 -3.68 15.68 -10.97
C ARG A 253 -3.51 16.39 -9.63
N PRO A 254 -4.44 16.17 -8.69
CA PRO A 254 -4.32 16.82 -7.38
C PRO A 254 -3.11 16.32 -6.57
N THR A 255 -2.85 17.03 -5.47
CA THR A 255 -1.96 16.55 -4.40
C THR A 255 -2.77 15.70 -3.42
N PHE A 256 -2.06 15.00 -2.54
CA PHE A 256 -2.73 14.28 -1.45
C PHE A 256 -3.43 15.21 -0.46
N LYS A 257 -2.86 16.40 -0.25
CA LYS A 257 -3.49 17.40 0.59
C LYS A 257 -4.86 17.81 0.02
N ILE A 258 -4.91 18.07 -1.30
CA ILE A 258 -6.17 18.41 -1.98
C ILE A 258 -7.17 17.25 -1.92
N LEU A 259 -6.70 16.03 -2.21
CA LEU A 259 -7.58 14.88 -2.12
C LEU A 259 -8.15 14.71 -0.70
N LEU A 260 -7.31 14.88 0.31
CA LEU A 260 -7.79 14.78 1.69
C LEU A 260 -8.91 15.79 1.96
N SER A 261 -8.69 17.04 1.54
CA SER A 261 -9.72 18.10 1.65
C SER A 261 -11.01 17.71 0.96
N ASN A 262 -10.89 17.14 -0.24
CA ASN A 262 -12.07 16.74 -1.00
C ASN A 262 -12.81 15.61 -0.31
N ILE A 263 -12.06 14.66 0.25
CA ILE A 263 -12.66 13.49 0.93
C ILE A 263 -13.38 13.91 2.20
N LEU A 264 -12.76 14.82 2.96
CA LEU A 264 -13.39 15.36 4.16
C LEU A 264 -14.71 16.09 3.81
N ASP A 265 -14.70 16.86 2.72
CA ASP A 265 -15.88 17.60 2.26
C ASP A 265 -17.02 16.65 1.94
N VAL A 266 -16.72 15.58 1.21
CA VAL A 266 -17.72 14.56 0.92
C VAL A 266 -18.26 13.85 2.17
N MET A 267 -17.37 13.54 3.13
N MET A 267 -17.37 13.54 3.13
CA MET A 267 -17.79 13.02 4.43
CA MET A 267 -17.81 13.00 4.41
C MET A 267 -18.79 13.93 5.12
C MET A 267 -18.78 13.92 5.14
N ASP A 268 -18.53 15.23 5.07
CA ASP A 268 -19.43 16.23 5.66
C ASP A 268 -20.78 16.29 4.94
N GLU A 269 -20.75 16.24 3.61
CA GLU A 269 -21.96 16.32 2.78
C GLU A 269 -22.79 15.03 2.77
N GLU A 270 -22.13 13.90 3.00
CA GLU A 270 -22.74 12.56 3.00
C GLU A 270 -22.74 11.88 4.38
N SER A 271 -22.69 12.66 5.45
CA SER A 271 -22.93 12.13 6.82
C SER A 271 -23.34 13.26 7.77
C1 KLM B . -8.09 -16.35 7.99
C3 KLM B . -9.09 -15.90 5.87
C4 KLM B . -6.93 -14.86 6.41
C5 KLM B . -5.46 -15.28 6.23
C8 KLM B . -4.55 -14.06 6.08
O9 KLM B . -4.50 -13.41 7.35
C11 KLM B . -2.76 -11.73 6.93
C12 KLM B . -2.01 -10.65 7.43
C15 KLM B . -3.96 -11.86 9.00
C17 KLM B . -0.38 -8.51 8.98
C19 KLM B . 1.29 -7.00 9.52
C24 KLM B . 3.28 -8.15 6.04
O25 KLM B . 3.88 -8.50 5.05
C27 KLM B . 1.41 -8.25 7.50
C30 KLM B . 1.31 -10.89 5.58
C31 KLM B . 0.60 -11.63 4.64
C32 KLM B . 0.39 -13.12 4.58
C33 KLM B . -0.11 -13.40 3.15
C34 KLM B . -0.73 -12.06 2.71
C35 KLM B . -0.04 -11.01 3.56
C36 KLM B . 0.02 -9.65 3.44
C37 KLM B . 0.72 -8.90 4.37
N2 KLM B . -7.82 -16.04 6.58
O7 KLM B . -5.03 -16.03 7.37
C10 KLM B . -3.72 -12.35 7.72
C13 KLM B . -2.24 -10.16 8.73
C14 KLM B . -3.24 -10.78 9.50
N16 KLM B . -1.59 -9.07 9.33
N18 KLM B . 0.12 -7.59 9.80
C20 KLM B . 1.98 -7.29 8.36
N21 KLM B . 3.23 -6.75 8.05
C22 KLM B . 3.92 -7.17 6.97
O23 KLM B . 5.02 -6.70 6.71
N26 KLM B . 2.04 -8.64 6.33
N28 KLM B . 0.24 -8.80 7.85
C29 KLM B . 1.39 -9.52 5.44
C1 EDO C . -8.44 15.21 -19.61
O1 EDO C . -9.26 15.70 -18.55
C2 EDO C . -7.26 14.44 -19.03
O2 EDO C . -7.33 13.01 -19.05
C1 EDO D . -13.27 -2.34 -18.46
O1 EDO D . -12.60 -1.63 -17.40
C2 EDO D . -12.72 -3.76 -18.51
O2 EDO D . -12.97 -4.50 -17.30
C1 EDO E . -3.77 -3.37 16.22
O1 EDO E . -2.86 -2.99 15.19
C2 EDO E . -4.05 -4.86 16.07
O2 EDO E . -4.81 -5.20 14.89
C1 EDO F . -23.84 5.76 -5.12
O1 EDO F . -24.67 6.59 -5.94
C2 EDO F . -24.63 4.87 -4.19
O2 EDO F . -24.94 3.58 -4.74
C1 EDO G . -0.11 -6.29 -10.42
O1 EDO G . -1.09 -6.87 -11.29
C2 EDO G . 0.09 -7.03 -9.10
O2 EDO G . 0.77 -8.28 -9.23
C1 EDO H . 6.34 -1.33 7.14
O1 EDO H . 5.08 -1.42 6.47
C2 EDO H . 7.37 -2.25 6.48
O2 EDO H . 7.19 -2.29 5.05
#